data_2W1W
#
_entry.id   2W1W
#
_cell.length_a   46.386
_cell.length_b   46.386
_cell.length_c   204.520
_cell.angle_alpha   90.00
_cell.angle_beta   90.00
_cell.angle_gamma   120.00
#
_symmetry.space_group_name_H-M   'P 31 2 1'
#
loop_
_entity.id
_entity.type
_entity.pdbx_description
1 polymer 'LIPOLYTIC ENZYME, G-D-S-L'
2 non-polymer 'CALCIUM ION'
3 non-polymer GLYCEROL
4 non-polymer 'PHOSPHATE ION'
5 water water
#
_entity_poly.entity_id   1
_entity_poly.type   'polypeptide(L)'
_entity_poly.pdbx_seq_one_letter_code
;MASPVIYQAEDAIIYNAILETVNAGYTGSCYVNYHNEVGGYIEWNVNAPSSGSYALIFRYANGTTANRPMRITVNGNIVK
PSMDFVSTGAWTTWNEAGIVANLNQGNNVIRATAIASDGGPNVDYLKVFSANAFQPVSLEHHHHHH
;
_entity_poly.pdbx_strand_id   A,B
#
loop_
_chem_comp.id
_chem_comp.type
_chem_comp.name
_chem_comp.formula
CA non-polymer 'CALCIUM ION' 'Ca 2'
GOL non-polymer GLYCEROL 'C3 H8 O3'
PO4 non-polymer 'PHOSPHATE ION' 'O4 P -3'
#
# COMPACT_ATOMS: atom_id res chain seq x y z
N ALA A 2 -2.21 -27.52 4.78
CA ALA A 2 -2.91 -26.20 4.89
C ALA A 2 -2.99 -25.55 3.52
N SER A 3 -4.00 -24.73 3.36
CA SER A 3 -4.15 -23.88 2.17
C SER A 3 -3.45 -22.55 2.42
N PRO A 4 -2.86 -21.96 1.38
CA PRO A 4 -2.16 -20.71 1.57
C PRO A 4 -3.10 -19.54 1.81
N VAL A 5 -2.62 -18.64 2.66
CA VAL A 5 -3.20 -17.31 2.82
C VAL A 5 -2.16 -16.34 2.28
N ILE A 6 -2.59 -15.55 1.33
CA ILE A 6 -1.68 -14.58 0.69
CA ILE A 6 -1.75 -14.57 0.65
C ILE A 6 -1.90 -13.18 1.25
N TYR A 7 -0.81 -12.63 1.73
CA TYR A 7 -0.71 -11.29 2.27
C TYR A 7 -0.10 -10.44 1.16
N GLN A 8 -0.96 -9.64 0.54
CA GLN A 8 -0.60 -8.92 -0.69
C GLN A 8 0.23 -7.68 -0.39
N ALA A 9 1.10 -7.33 -1.32
CA ALA A 9 1.89 -6.09 -1.23
C ALA A 9 1.04 -4.89 -0.98
N GLU A 10 -0.07 -4.84 -1.69
CA GLU A 10 -0.99 -3.68 -1.62
C GLU A 10 -1.55 -3.41 -0.23
N ASP A 11 -1.46 -4.43 0.63
CA ASP A 11 -2.00 -4.39 1.98
C ASP A 11 -0.93 -4.28 3.04
N ALA A 12 0.31 -4.20 2.61
CA ALA A 12 1.46 -4.12 3.50
C ALA A 12 1.58 -2.76 4.19
N ILE A 13 2.22 -2.77 5.34
CA ILE A 13 2.71 -1.56 6.03
C ILE A 13 4.18 -1.46 5.70
N ILE A 14 4.59 -0.31 5.19
CA ILE A 14 5.94 -0.17 4.68
C ILE A 14 6.66 1.05 5.25
N TYR A 15 7.97 0.97 5.16
CA TYR A 15 8.90 2.02 5.62
C TYR A 15 10.06 2.04 4.66
N ASN A 16 10.38 3.24 4.18
CA ASN A 16 11.46 3.46 3.22
CA ASN A 16 11.51 3.41 3.25
C ASN A 16 11.41 2.43 2.10
N ALA A 17 10.22 2.26 1.62
CA ALA A 17 9.86 1.36 0.53
C ALA A 17 8.58 1.89 -0.08
N ILE A 18 8.35 1.49 -1.32
CA ILE A 18 7.31 2.01 -2.15
CA ILE A 18 7.23 1.99 -2.16
C ILE A 18 6.52 0.90 -2.89
N LEU A 19 5.23 1.09 -3.01
CA LEU A 19 4.37 0.23 -3.82
C LEU A 19 4.48 0.62 -5.28
N GLU A 20 4.83 -0.36 -6.11
CA GLU A 20 5.28 -0.16 -7.50
CA GLU A 20 5.10 -0.07 -7.53
C GLU A 20 4.57 -1.17 -8.43
N THR A 21 4.51 -0.82 -9.70
CA THR A 21 3.87 -1.67 -10.71
C THR A 21 4.65 -1.75 -12.01
N VAL A 22 5.89 -1.30 -11.95
CA VAL A 22 6.67 -1.14 -13.19
C VAL A 22 7.01 -2.46 -13.88
N ASN A 23 7.59 -3.36 -13.09
CA ASN A 23 8.04 -4.64 -13.59
C ASN A 23 6.95 -5.69 -13.68
N ALA A 24 6.75 -6.18 -14.88
CA ALA A 24 5.77 -7.23 -15.14
C ALA A 24 6.01 -8.48 -14.31
N GLY A 25 4.92 -9.16 -14.07
CA GLY A 25 4.90 -10.52 -13.49
C GLY A 25 4.49 -10.64 -12.04
N TYR A 26 4.29 -9.50 -11.43
CA TYR A 26 3.71 -9.43 -10.07
C TYR A 26 2.27 -9.93 -10.10
N THR A 27 1.79 -10.28 -8.93
CA THR A 27 0.41 -10.64 -8.75
C THR A 27 -0.27 -9.62 -7.88
N GLY A 28 -1.59 -9.73 -7.83
CA GLY A 28 -2.41 -8.69 -7.27
C GLY A 28 -2.14 -7.39 -8.03
N SER A 29 -2.24 -6.31 -7.28
CA SER A 29 -2.16 -4.98 -7.89
C SER A 29 -0.80 -4.30 -7.88
N CYS A 30 0.14 -4.86 -7.12
CA CYS A 30 1.44 -4.25 -7.04
C CYS A 30 2.41 -5.18 -6.34
N TYR A 31 3.62 -4.70 -6.28
CA TYR A 31 4.71 -5.22 -5.45
C TYR A 31 5.33 -4.09 -4.67
N VAL A 32 6.23 -4.44 -3.76
CA VAL A 32 6.98 -3.49 -2.95
CA VAL A 32 6.97 -3.45 -2.98
C VAL A 32 8.43 -3.41 -3.39
N ASN A 33 8.93 -2.18 -3.47
CA ASN A 33 10.31 -1.85 -3.77
CA ASN A 33 10.36 -1.87 -3.77
C ASN A 33 10.99 -1.12 -2.64
N TYR A 34 12.18 -1.55 -2.28
CA TYR A 34 12.98 -1.05 -1.14
C TYR A 34 13.92 0.17 -1.37
N HIS A 35 13.89 0.79 -2.52
CA HIS A 35 14.55 2.13 -2.59
C HIS A 35 16.07 2.10 -2.69
N ASN A 36 16.55 0.94 -3.03
CA ASN A 36 17.98 0.67 -3.26
CA ASN A 36 17.97 0.68 -3.26
C ASN A 36 18.87 1.07 -2.11
N GLU A 37 18.31 1.09 -0.92
CA GLU A 37 19.11 1.38 0.29
C GLU A 37 18.73 0.54 1.50
N VAL A 38 19.61 0.54 2.48
CA VAL A 38 19.37 -0.22 3.73
C VAL A 38 18.19 0.35 4.55
N GLY A 39 17.61 -0.53 5.35
CA GLY A 39 16.72 -0.18 6.46
C GLY A 39 15.23 -0.21 6.25
N GLY A 40 14.83 -0.19 4.99
CA GLY A 40 13.39 -0.25 4.67
C GLY A 40 12.79 -1.57 5.11
N TYR A 41 11.49 -1.57 5.27
CA TYR A 41 10.78 -2.83 5.61
C TYR A 41 9.39 -2.86 5.09
N ILE A 42 8.91 -4.08 5.08
CA ILE A 42 7.51 -4.40 4.83
CA ILE A 42 7.51 -4.42 4.83
C ILE A 42 7.02 -5.28 5.97
N GLU A 43 5.77 -5.10 6.32
CA GLU A 43 5.19 -5.89 7.39
C GLU A 43 3.70 -6.09 7.23
N TRP A 44 3.25 -7.23 7.71
CA TRP A 44 1.83 -7.55 7.72
C TRP A 44 1.42 -8.06 9.09
N ASN A 45 0.13 -7.94 9.30
CA ASN A 45 -0.56 -8.51 10.46
C ASN A 45 -1.14 -9.85 10.01
N VAL A 46 -0.56 -10.91 10.49
CA VAL A 46 -0.84 -12.27 10.04
C VAL A 46 -1.53 -13.08 11.13
N ASN A 47 -2.72 -13.56 10.84
CA ASN A 47 -3.48 -14.37 11.80
C ASN A 47 -2.96 -15.79 11.83
N ALA A 48 -2.85 -16.31 13.05
CA ALA A 48 -2.60 -17.73 13.24
C ALA A 48 -3.75 -18.33 14.07
N PRO A 49 -4.36 -19.40 13.55
CA PRO A 49 -5.56 -19.88 14.26
C PRO A 49 -5.16 -20.68 15.48
N SER A 50 -3.95 -21.20 15.42
CA SER A 50 -3.35 -21.93 16.53
C SER A 50 -1.86 -21.71 16.62
N SER A 51 -1.33 -21.81 17.81
CA SER A 51 0.14 -21.73 17.99
C SER A 51 0.84 -22.91 17.34
N GLY A 52 1.93 -22.60 16.65
CA GLY A 52 2.80 -23.67 16.06
C GLY A 52 3.65 -23.12 14.92
N SER A 53 4.21 -24.06 14.17
CA SER A 53 5.10 -23.76 13.04
CA SER A 53 5.11 -23.77 13.04
C SER A 53 4.32 -23.52 11.77
N TYR A 54 4.69 -22.46 11.08
CA TYR A 54 4.08 -22.06 9.79
C TYR A 54 5.17 -21.80 8.76
N ALA A 55 4.85 -22.18 7.53
CA ALA A 55 5.67 -21.79 6.38
C ALA A 55 5.35 -20.34 6.01
N LEU A 56 6.41 -19.56 5.87
CA LEU A 56 6.40 -18.17 5.38
C LEU A 56 7.18 -18.10 4.08
N ILE A 57 6.44 -17.87 3.01
CA ILE A 57 7.01 -17.86 1.67
CA ILE A 57 6.96 -17.90 1.63
C ILE A 57 6.81 -16.51 1.01
N PHE A 58 7.91 -15.94 0.60
CA PHE A 58 7.88 -14.67 -0.11
C PHE A 58 8.08 -14.91 -1.59
N ARG A 59 7.27 -14.25 -2.41
CA ARG A 59 7.50 -14.22 -3.84
C ARG A 59 8.17 -12.89 -4.15
N TYR A 60 9.26 -12.95 -4.90
CA TYR A 60 10.16 -11.81 -5.06
C TYR A 60 10.90 -11.83 -6.39
N ALA A 61 11.47 -10.68 -6.72
CA ALA A 61 12.40 -10.55 -7.84
C ALA A 61 13.65 -9.87 -7.39
N ASN A 62 14.76 -10.27 -7.99
CA ASN A 62 16.05 -9.61 -7.78
C ASN A 62 16.82 -9.62 -9.08
N GLY A 63 16.76 -8.49 -9.76
CA GLY A 63 17.37 -8.32 -11.07
C GLY A 63 18.82 -7.91 -11.06
N THR A 64 19.43 -7.97 -9.90
CA THR A 64 20.87 -7.75 -9.74
C THR A 64 21.54 -9.10 -9.57
N THR A 65 22.86 -9.08 -9.64
CA THR A 65 23.64 -10.31 -9.44
C THR A 65 23.92 -10.65 -8.00
N ALA A 66 23.64 -9.71 -7.10
CA ALA A 66 24.01 -9.84 -5.67
C ALA A 66 22.81 -10.11 -4.80
N ASN A 67 23.06 -10.93 -3.82
CA ASN A 67 22.08 -11.26 -2.78
C ASN A 67 21.61 -10.00 -2.10
N ARG A 68 20.30 -9.97 -1.84
CA ARG A 68 19.66 -8.89 -1.11
C ARG A 68 18.97 -9.45 0.16
N PRO A 69 19.78 -9.80 1.17
CA PRO A 69 19.22 -10.47 2.35
C PRO A 69 18.40 -9.57 3.22
N MET A 70 17.50 -10.19 3.94
CA MET A 70 16.61 -9.46 4.84
C MET A 70 16.50 -10.15 6.19
N ARG A 71 16.33 -9.29 7.19
CA ARG A 71 16.01 -9.68 8.57
C ARG A 71 14.52 -9.95 8.67
N ILE A 72 14.18 -11.12 9.19
CA ILE A 72 12.79 -11.48 9.40
C ILE A 72 12.50 -11.43 10.90
N THR A 73 11.54 -10.59 11.24
CA THR A 73 11.08 -10.35 12.61
C THR A 73 9.64 -10.80 12.73
N VAL A 74 9.37 -11.52 13.81
CA VAL A 74 8.04 -12.00 14.13
C VAL A 74 7.74 -11.63 15.57
N ASN A 75 6.76 -10.79 15.72
CA ASN A 75 6.31 -10.30 17.03
C ASN A 75 7.46 -9.68 17.80
N GLY A 76 8.31 -9.00 17.06
CA GLY A 76 9.40 -8.22 17.63
C GLY A 76 10.68 -8.95 17.86
N ASN A 77 10.63 -10.25 17.65
CA ASN A 77 11.80 -11.12 17.77
C ASN A 77 12.35 -11.52 16.41
N ILE A 78 13.66 -11.45 16.31
CA ILE A 78 14.33 -11.76 15.05
C ILE A 78 14.48 -13.25 14.94
N VAL A 79 13.75 -13.82 13.99
CA VAL A 79 13.73 -15.27 13.76
C VAL A 79 14.77 -15.68 12.72
N LYS A 80 15.10 -14.76 11.83
CA LYS A 80 16.13 -15.00 10.82
CA LYS A 80 16.11 -15.01 10.81
C LYS A 80 16.90 -13.71 10.59
N PRO A 81 18.13 -13.64 11.10
CA PRO A 81 18.85 -12.39 10.98
C PRO A 81 19.14 -11.98 9.54
N SER A 82 19.33 -12.98 8.70
CA SER A 82 19.74 -12.75 7.31
C SER A 82 19.25 -13.82 6.36
N MET A 83 18.00 -13.68 5.96
CA MET A 83 17.35 -14.56 5.00
C MET A 83 17.76 -14.14 3.60
N ASP A 84 18.20 -15.09 2.81
CA ASP A 84 18.72 -14.80 1.46
C ASP A 84 17.62 -14.61 0.45
N PHE A 85 17.87 -13.65 -0.43
CA PHE A 85 17.05 -13.33 -1.58
C PHE A 85 17.96 -13.15 -2.79
N VAL A 86 18.30 -14.29 -3.38
CA VAL A 86 19.32 -14.34 -4.42
C VAL A 86 18.77 -13.87 -5.77
N SER A 87 19.70 -13.56 -6.66
CA SER A 87 19.34 -13.14 -8.00
CA SER A 87 19.35 -13.15 -8.02
C SER A 87 18.35 -14.09 -8.64
N THR A 88 17.35 -13.49 -9.28
CA THR A 88 16.33 -14.18 -10.11
C THR A 88 16.63 -13.97 -11.61
N GLY A 89 17.65 -13.18 -11.89
CA GLY A 89 18.11 -12.93 -13.27
C GLY A 89 17.57 -11.71 -14.00
N ALA A 90 16.41 -11.30 -13.58
CA ALA A 90 15.73 -10.09 -14.12
C ALA A 90 14.68 -9.61 -13.16
N TRP A 91 14.39 -8.33 -13.29
CA TRP A 91 13.35 -7.70 -12.46
C TRP A 91 11.97 -8.20 -12.79
N THR A 92 11.87 -8.88 -13.93
CA THR A 92 10.61 -9.48 -14.38
CA THR A 92 10.61 -9.45 -14.38
C THR A 92 10.53 -10.98 -14.16
N THR A 93 11.55 -11.55 -13.54
CA THR A 93 11.55 -12.98 -13.20
C THR A 93 11.39 -13.10 -11.70
N TRP A 94 10.31 -13.74 -11.31
CA TRP A 94 9.91 -13.88 -9.91
C TRP A 94 10.12 -15.29 -9.43
N ASN A 95 10.69 -15.39 -8.24
CA ASN A 95 10.91 -16.67 -7.59
C ASN A 95 10.33 -16.63 -6.19
N GLU A 96 10.49 -17.72 -5.44
CA GLU A 96 10.06 -17.79 -4.04
C GLU A 96 11.25 -18.10 -3.15
N ALA A 97 11.17 -17.60 -1.93
CA ALA A 97 12.10 -17.94 -0.82
C ALA A 97 11.26 -18.14 0.41
N GLY A 98 11.60 -19.15 1.18
CA GLY A 98 10.78 -19.51 2.33
C GLY A 98 11.54 -19.92 3.55
N ILE A 99 10.89 -19.70 4.68
CA ILE A 99 11.34 -20.20 5.97
C ILE A 99 10.16 -20.74 6.77
N VAL A 100 10.50 -21.38 7.87
CA VAL A 100 9.52 -21.83 8.85
C VAL A 100 9.71 -21.05 10.12
N ALA A 101 8.60 -20.60 10.72
CA ALA A 101 8.64 -19.88 11.97
C ALA A 101 7.47 -20.21 12.87
N ASN A 102 7.65 -20.01 14.16
CA ASN A 102 6.58 -20.22 15.12
CA ASN A 102 6.57 -20.22 15.12
C ASN A 102 5.72 -18.97 15.21
N LEU A 103 4.42 -19.18 15.12
CA LEU A 103 3.44 -18.10 15.32
C LEU A 103 2.60 -18.43 16.54
N ASN A 104 2.07 -17.35 17.12
CA ASN A 104 1.16 -17.41 18.26
C ASN A 104 -0.25 -17.35 17.79
N GLN A 105 -1.11 -18.10 18.46
CA GLN A 105 -2.55 -17.96 18.29
CA GLN A 105 -2.55 -17.97 18.24
C GLN A 105 -2.94 -16.52 18.45
N GLY A 106 -3.52 -15.97 17.41
CA GLY A 106 -3.83 -14.53 17.35
C GLY A 106 -3.12 -13.82 16.21
N ASN A 107 -2.89 -12.55 16.41
CA ASN A 107 -2.19 -11.73 15.40
C ASN A 107 -0.71 -11.86 15.58
N ASN A 108 -0.02 -11.82 14.45
CA ASN A 108 1.44 -11.88 14.42
C ASN A 108 1.96 -10.85 13.48
N VAL A 109 2.88 -10.04 13.96
CA VAL A 109 3.44 -8.97 13.13
C VAL A 109 4.71 -9.51 12.52
N ILE A 110 4.67 -9.66 11.21
CA ILE A 110 5.76 -10.25 10.43
C ILE A 110 6.36 -9.20 9.54
N ARG A 111 7.64 -8.95 9.77
CA ARG A 111 8.38 -7.85 9.10
C ARG A 111 9.61 -8.41 8.41
N ALA A 112 9.86 -7.90 7.22
CA ALA A 112 11.12 -8.17 6.46
C ALA A 112 11.84 -6.87 6.22
N THR A 113 13.04 -6.75 6.80
CA THR A 113 13.83 -5.49 6.80
C THR A 113 15.11 -5.67 6.00
N ALA A 114 15.37 -4.73 5.12
CA ALA A 114 16.63 -4.70 4.35
C ALA A 114 17.82 -4.44 5.26
N ILE A 115 18.80 -5.34 5.20
CA ILE A 115 20.01 -5.21 6.00
C ILE A 115 21.28 -4.87 5.21
N ALA A 116 21.18 -4.97 3.90
CA ALA A 116 22.32 -4.72 3.00
C ALA A 116 22.14 -3.40 2.30
N SER A 117 23.26 -2.89 1.86
CA SER A 117 23.34 -1.51 1.44
C SER A 117 22.58 -1.19 0.17
N ASP A 118 22.18 -2.22 -0.56
CA ASP A 118 21.40 -2.02 -1.79
C ASP A 118 19.91 -2.30 -1.65
N GLY A 119 19.50 -2.50 -0.39
CA GLY A 119 18.09 -2.70 -0.10
C GLY A 119 17.65 -4.11 -0.31
N GLY A 120 16.37 -4.28 -0.16
CA GLY A 120 15.72 -5.59 -0.30
C GLY A 120 15.39 -5.87 -1.77
N PRO A 121 14.98 -7.10 -2.04
CA PRO A 121 14.44 -7.42 -3.35
C PRO A 121 13.07 -6.77 -3.52
N ASN A 122 12.53 -6.82 -4.73
CA ASN A 122 11.11 -6.47 -4.93
C ASN A 122 10.26 -7.62 -4.45
N VAL A 123 9.27 -7.32 -3.63
CA VAL A 123 8.45 -8.39 -3.00
C VAL A 123 7.00 -8.29 -3.43
N ASP A 124 6.53 -9.39 -3.99
CA ASP A 124 5.19 -9.53 -4.54
C ASP A 124 4.14 -9.71 -3.44
N TYR A 125 4.44 -10.65 -2.55
CA TYR A 125 3.56 -11.01 -1.44
C TYR A 125 4.30 -11.89 -0.47
N LEU A 126 3.65 -12.08 0.67
CA LEU A 126 3.96 -13.11 1.65
C LEU A 126 2.79 -14.11 1.68
N LYS A 127 3.14 -15.38 1.51
CA LYS A 127 2.20 -16.50 1.54
C LYS A 127 2.49 -17.32 2.80
N VAL A 128 1.42 -17.58 3.58
CA VAL A 128 1.53 -18.33 4.85
C VAL A 128 0.58 -19.52 4.81
N PHE A 129 1.14 -20.66 5.12
CA PHE A 129 0.36 -21.93 5.00
C PHE A 129 -0.42 -22.20 6.31
N SER A 130 -1.60 -21.55 6.40
CA SER A 130 -2.28 -21.39 7.70
C SER A 130 -3.73 -21.78 7.74
N ALA A 131 -4.33 -21.91 6.57
CA ALA A 131 -5.77 -22.11 6.44
C ALA A 131 -6.12 -23.59 6.43
N ALA B 2 4.09 24.91 3.42
CA ALA B 2 4.53 23.79 2.52
C ALA B 2 3.83 23.89 1.20
N SER B 3 4.50 23.37 0.17
CA SER B 3 3.94 23.36 -1.18
C SER B 3 3.21 22.04 -1.49
N PRO B 4 2.20 22.10 -2.34
CA PRO B 4 1.42 20.91 -2.67
C PRO B 4 2.12 20.01 -3.64
N VAL B 5 1.95 18.72 -3.34
CA VAL B 5 2.36 17.64 -4.20
C VAL B 5 1.14 16.89 -4.64
N ILE B 6 0.99 16.77 -5.94
CA ILE B 6 -0.21 16.14 -6.51
C ILE B 6 0.03 14.68 -6.83
N TYR B 7 -0.82 13.86 -6.24
CA TYR B 7 -0.84 12.39 -6.43
C TYR B 7 -2.04 12.10 -7.34
N GLN B 8 -1.76 11.98 -8.63
CA GLN B 8 -2.79 11.77 -9.65
C GLN B 8 -3.37 10.36 -9.54
N ALA B 9 -4.60 10.26 -10.00
CA ALA B 9 -5.30 8.97 -10.10
C ALA B 9 -4.42 7.88 -10.75
N GLU B 10 -3.68 8.26 -11.79
CA GLU B 10 -2.93 7.29 -12.59
C GLU B 10 -1.81 6.65 -11.79
N ASP B 11 -1.42 7.33 -10.72
CA ASP B 11 -0.32 6.88 -9.86
C ASP B 11 -0.76 6.10 -8.61
N ALA B 12 -2.06 5.97 -8.45
CA ALA B 12 -2.62 5.19 -7.32
C ALA B 12 -2.56 3.70 -7.61
N ILE B 13 -2.56 2.98 -6.51
CA ILE B 13 -2.81 1.54 -6.51
CA ILE B 13 -2.81 1.53 -6.51
C ILE B 13 -4.27 1.36 -6.09
N ILE B 14 -5.05 0.74 -6.93
CA ILE B 14 -6.50 0.70 -6.75
C ILE B 14 -7.03 -0.73 -6.67
N TYR B 15 -8.22 -0.80 -6.11
CA TYR B 15 -8.92 -2.08 -5.90
C TYR B 15 -10.40 -1.90 -6.00
N ASN B 16 -11.02 -2.76 -6.80
CA ASN B 16 -12.46 -2.66 -7.05
C ASN B 16 -12.85 -1.23 -7.45
N ALA B 17 -12.05 -0.74 -8.38
CA ALA B 17 -12.17 0.60 -9.00
C ALA B 17 -11.45 0.56 -10.32
N ILE B 18 -11.77 1.51 -11.17
CA ILE B 18 -11.17 1.62 -12.51
C ILE B 18 -10.77 3.06 -12.83
N LEU B 19 -9.75 3.20 -13.69
CA LEU B 19 -9.39 4.51 -14.26
C LEU B 19 -10.25 4.75 -15.48
N GLU B 20 -10.73 5.96 -15.59
CA GLU B 20 -11.55 6.33 -16.74
C GLU B 20 -11.50 7.82 -17.00
N THR B 21 -12.11 8.17 -18.12
CA THR B 21 -12.15 9.52 -18.62
C THR B 21 -13.51 9.90 -19.19
N VAL B 22 -14.55 9.31 -18.62
CA VAL B 22 -15.90 9.48 -19.16
C VAL B 22 -16.41 10.90 -18.89
N ASN B 23 -16.28 11.34 -17.65
CA ASN B 23 -16.80 12.65 -17.23
C ASN B 23 -15.73 13.71 -17.33
N ALA B 24 -16.08 14.82 -17.96
CA ALA B 24 -15.17 15.95 -18.13
C ALA B 24 -14.81 16.63 -16.83
N GLY B 25 -13.63 17.23 -16.85
CA GLY B 25 -13.17 18.17 -15.79
C GLY B 25 -12.13 17.64 -14.83
N TYR B 26 -11.75 16.41 -15.08
CA TYR B 26 -10.62 15.77 -14.38
C TYR B 26 -9.34 16.46 -14.87
N THR B 27 -8.29 16.18 -14.14
CA THR B 27 -6.92 16.61 -14.48
C THR B 27 -6.01 15.43 -14.67
N GLY B 28 -4.85 15.70 -15.28
CA GLY B 28 -3.98 14.60 -15.68
C GLY B 28 -4.65 13.69 -16.71
N SER B 29 -4.29 12.42 -16.66
CA SER B 29 -4.72 11.48 -17.69
C SER B 29 -6.05 10.82 -17.48
N CYS B 30 -6.58 10.94 -16.27
CA CYS B 30 -7.75 10.17 -15.85
C CYS B 30 -8.18 10.48 -14.41
N TYR B 31 -9.28 9.86 -14.04
CA TYR B 31 -9.76 9.83 -12.62
C TYR B 31 -10.12 8.40 -12.28
N VAL B 32 -10.36 8.14 -11.00
CA VAL B 32 -10.80 6.84 -10.51
C VAL B 32 -12.30 6.81 -10.28
N ASN B 33 -12.92 5.74 -10.76
CA ASN B 33 -14.32 5.43 -10.57
C ASN B 33 -14.41 4.14 -9.78
N TYR B 34 -14.94 4.24 -8.58
CA TYR B 34 -15.07 3.07 -7.68
C TYR B 34 -16.20 2.17 -8.15
N HIS B 35 -16.00 0.88 -7.97
CA HIS B 35 -17.13 -0.04 -8.15
C HIS B 35 -18.22 0.32 -7.15
N ASN B 36 -19.43 0.01 -7.54
CA ASN B 36 -20.62 0.28 -6.69
CA ASN B 36 -20.66 0.22 -6.76
C ASN B 36 -20.81 -0.82 -5.66
N GLU B 37 -19.94 -0.74 -4.67
CA GLU B 37 -19.93 -1.69 -3.56
C GLU B 37 -19.05 -1.18 -2.44
N VAL B 38 -19.20 -1.79 -1.27
CA VAL B 38 -18.31 -1.52 -0.14
C VAL B 38 -16.92 -2.10 -0.44
N GLY B 39 -15.91 -1.33 -0.11
CA GLY B 39 -14.55 -1.86 0.04
C GLY B 39 -13.54 -1.61 -1.09
N GLY B 40 -13.99 -1.02 -2.18
CA GLY B 40 -13.05 -0.53 -3.20
C GLY B 40 -12.20 0.57 -2.57
N TYR B 41 -10.98 0.71 -3.06
CA TYR B 41 -10.05 1.70 -2.52
C TYR B 41 -9.09 2.21 -3.54
N ILE B 42 -8.56 3.36 -3.16
CA ILE B 42 -7.38 3.90 -3.83
CA ILE B 42 -7.42 3.99 -3.84
C ILE B 42 -6.35 4.21 -2.78
N GLU B 43 -5.09 3.96 -3.11
CA GLU B 43 -4.00 4.26 -2.20
C GLU B 43 -2.79 4.78 -2.97
N TRP B 44 -2.05 5.65 -2.30
CA TRP B 44 -0.84 6.25 -2.87
C TRP B 44 0.31 6.16 -1.92
N ASN B 45 1.49 6.15 -2.50
CA ASN B 45 2.73 6.38 -1.79
C ASN B 45 2.93 7.86 -1.64
N VAL B 46 2.81 8.38 -0.44
CA VAL B 46 2.84 9.83 -0.15
C VAL B 46 4.03 10.14 0.72
N ASN B 47 4.86 11.06 0.24
CA ASN B 47 6.09 11.48 0.92
C ASN B 47 5.84 12.53 1.96
N ALA B 48 6.64 12.47 3.01
CA ALA B 48 6.77 13.61 3.91
C ALA B 48 8.25 13.86 4.25
N PRO B 49 8.65 15.11 4.34
CA PRO B 49 10.09 15.32 4.58
C PRO B 49 10.47 15.14 6.00
N SER B 50 9.46 15.15 6.83
CA SER B 50 9.60 14.97 8.28
C SER B 50 8.31 14.50 8.92
N SER B 51 8.40 13.90 10.09
CA SER B 51 7.19 13.50 10.82
C SER B 51 6.44 14.71 11.29
N GLY B 52 5.14 14.68 11.06
CA GLY B 52 4.28 15.76 11.51
C GLY B 52 2.92 15.68 10.91
N SER B 53 2.21 16.78 11.09
CA SER B 53 0.83 16.91 10.62
CA SER B 53 0.84 16.89 10.61
CA SER B 53 0.83 16.91 10.62
C SER B 53 0.82 17.63 9.28
N TYR B 54 0.04 17.09 8.36
CA TYR B 54 -0.06 17.60 7.00
C TYR B 54 -1.51 17.68 6.51
N ALA B 55 -1.76 18.67 5.69
CA ALA B 55 -3.02 18.82 4.95
C ALA B 55 -3.09 17.88 3.74
N LEU B 56 -4.16 17.10 3.73
CA LEU B 56 -4.52 16.16 2.64
C LEU B 56 -5.83 16.62 2.01
N ILE B 57 -5.78 16.98 0.73
CA ILE B 57 -6.93 17.48 -0.01
CA ILE B 57 -6.98 17.44 0.05
C ILE B 57 -7.24 16.60 -1.21
N PHE B 58 -8.45 16.03 -1.24
CA PHE B 58 -8.93 15.25 -2.39
C PHE B 58 -9.76 16.14 -3.31
N ARG B 59 -9.51 16.03 -4.60
CA ARG B 59 -10.40 16.61 -5.64
C ARG B 59 -11.24 15.49 -6.19
N TYR B 60 -12.55 15.68 -6.14
CA TYR B 60 -13.52 14.61 -6.35
C TYR B 60 -14.81 15.14 -6.95
N ALA B 61 -15.58 14.22 -7.53
CA ALA B 61 -16.93 14.53 -8.00
C ALA B 61 -17.91 13.52 -7.40
N ASN B 62 -19.09 14.03 -7.11
CA ASN B 62 -20.21 13.23 -6.63
C ASN B 62 -21.53 13.78 -7.15
N GLY B 63 -21.96 13.17 -8.25
CA GLY B 63 -23.13 13.64 -9.02
C GLY B 63 -24.44 13.13 -8.48
N THR B 64 -24.38 12.52 -7.31
CA THR B 64 -25.61 12.02 -6.62
C THR B 64 -25.95 13.03 -5.55
N THR B 65 -27.12 12.87 -4.97
N THR B 65 -27.12 12.88 -4.94
CA THR B 65 -27.54 13.71 -3.85
CA THR B 65 -27.58 13.84 -3.92
C THR B 65 -27.30 13.00 -2.52
C THR B 65 -26.96 13.58 -2.55
N ALA B 66 -26.34 12.09 -2.49
N ALA B 66 -26.46 12.36 -2.36
CA ALA B 66 -26.03 11.37 -1.25
CA ALA B 66 -26.03 11.95 -1.03
C ALA B 66 -24.52 11.38 -0.96
C ALA B 66 -24.55 11.74 -0.94
N ASN B 67 -24.18 11.64 0.31
CA ASN B 67 -22.77 11.54 0.74
C ASN B 67 -22.25 10.15 0.37
N ARG B 68 -20.99 10.10 -0.08
CA ARG B 68 -20.29 8.86 -0.29
C ARG B 68 -19.03 8.83 0.58
N PRO B 69 -19.21 8.49 1.86
CA PRO B 69 -18.09 8.60 2.79
C PRO B 69 -17.04 7.53 2.59
N MET B 70 -15.83 7.89 3.02
CA MET B 70 -14.68 6.98 2.93
C MET B 70 -13.88 6.96 4.20
N ARG B 71 -13.30 5.81 4.44
CA ARG B 71 -12.32 5.61 5.49
C ARG B 71 -10.96 6.03 4.99
N ILE B 72 -10.24 6.80 5.80
CA ILE B 72 -8.88 7.16 5.46
C ILE B 72 -7.92 6.46 6.44
N THR B 73 -7.03 5.67 5.85
CA THR B 73 -6.05 4.89 6.58
C THR B 73 -4.67 5.38 6.15
N VAL B 74 -3.79 5.55 7.13
CA VAL B 74 -2.41 5.98 6.92
C VAL B 74 -1.48 4.96 7.58
N ASN B 75 -0.68 4.30 6.76
CA ASN B 75 0.21 3.23 7.24
C ASN B 75 -0.50 2.22 8.12
N GLY B 76 -1.72 1.90 7.71
CA GLY B 76 -2.51 0.85 8.39
C GLY B 76 -3.34 1.33 9.56
N ASN B 77 -3.16 2.58 9.89
CA ASN B 77 -3.85 3.19 11.04
C ASN B 77 -5.05 3.98 10.52
N ILE B 78 -6.21 3.70 11.10
CA ILE B 78 -7.42 4.42 10.67
C ILE B 78 -7.42 5.79 11.31
N VAL B 79 -7.19 6.81 10.47
CA VAL B 79 -7.11 8.20 10.89
C VAL B 79 -8.46 8.89 10.80
N LYS B 80 -9.28 8.47 9.83
CA LYS B 80 -10.64 9.00 9.72
C LYS B 80 -11.58 7.83 9.42
N PRO B 81 -12.34 7.36 10.41
CA PRO B 81 -13.27 6.27 10.16
C PRO B 81 -14.25 6.61 9.03
N SER B 82 -14.65 7.85 8.98
CA SER B 82 -15.57 8.34 7.95
C SER B 82 -15.19 9.77 7.69
N MET B 83 -14.78 9.98 6.46
CA MET B 83 -14.61 11.30 5.87
C MET B 83 -15.72 11.50 4.84
N ASP B 84 -16.37 12.64 4.90
CA ASP B 84 -17.48 12.94 3.99
C ASP B 84 -16.99 13.36 2.61
N PHE B 85 -17.74 12.87 1.63
CA PHE B 85 -17.61 13.30 0.24
C PHE B 85 -18.99 13.64 -0.25
N VAL B 86 -19.38 14.88 0.06
CA VAL B 86 -20.72 15.37 -0.21
C VAL B 86 -20.99 15.61 -1.67
N SER B 87 -22.27 15.64 -2.04
CA SER B 87 -22.65 15.94 -3.43
CA SER B 87 -22.67 15.95 -3.41
C SER B 87 -21.97 17.21 -3.93
N THR B 88 -21.53 17.12 -5.17
CA THR B 88 -20.91 18.24 -5.88
C THR B 88 -21.86 18.82 -6.96
N GLY B 89 -23.00 18.18 -7.10
CA GLY B 89 -24.10 18.65 -8.00
C GLY B 89 -24.13 18.03 -9.39
N ALA B 90 -22.99 17.48 -9.76
CA ALA B 90 -22.82 16.86 -11.12
C ALA B 90 -21.55 16.07 -11.18
N TRP B 91 -21.54 15.09 -12.05
CA TRP B 91 -20.36 14.23 -12.24
C TRP B 91 -19.23 14.99 -12.91
N THR B 92 -19.58 16.15 -13.44
CA THR B 92 -18.61 17.03 -14.10
C THR B 92 -18.22 18.23 -13.24
N THR B 93 -18.73 18.24 -12.02
CA THR B 93 -18.37 19.29 -11.05
C THR B 93 -17.48 18.67 -9.98
N TRP B 94 -16.29 19.24 -9.89
CA TRP B 94 -15.21 18.74 -9.03
C TRP B 94 -14.91 19.72 -7.90
N ASN B 95 -14.99 19.20 -6.69
CA ASN B 95 -14.79 19.96 -5.46
C ASN B 95 -13.67 19.34 -4.63
N GLU B 96 -13.37 19.98 -3.52
CA GLU B 96 -12.30 19.57 -2.62
C GLU B 96 -12.89 19.13 -1.29
N ALA B 97 -12.28 18.09 -0.74
CA ALA B 97 -12.53 17.64 0.65
C ALA B 97 -11.18 17.38 1.27
N GLY B 98 -10.98 17.94 2.45
CA GLY B 98 -9.69 17.95 3.12
C GLY B 98 -9.70 17.55 4.55
N ILE B 99 -8.60 16.97 4.96
CA ILE B 99 -8.36 16.62 6.36
C ILE B 99 -6.89 16.88 6.69
N VAL B 100 -6.57 16.72 7.97
CA VAL B 100 -5.22 16.79 8.48
C VAL B 100 -4.88 15.41 9.02
N ALA B 101 -3.69 14.94 8.68
CA ALA B 101 -3.19 13.67 9.18
C ALA B 101 -1.73 13.73 9.53
N ASN B 102 -1.35 12.87 10.46
CA ASN B 102 0.06 12.69 10.82
C ASN B 102 0.70 11.72 9.84
N LEU B 103 1.83 12.18 9.31
CA LEU B 103 2.68 11.36 8.43
C LEU B 103 4.02 11.16 9.07
N ASN B 104 4.63 10.06 8.66
CA ASN B 104 6.03 9.75 8.99
C ASN B 104 6.97 10.32 7.96
N GLN B 105 8.16 10.66 8.43
CA GLN B 105 9.24 10.98 7.50
C GLN B 105 9.41 9.85 6.52
N GLY B 106 9.51 10.24 5.25
CA GLY B 106 9.66 9.29 4.13
C GLY B 106 8.33 8.91 3.54
N ASN B 107 8.20 7.65 3.15
CA ASN B 107 6.98 7.19 2.48
C ASN B 107 5.92 6.76 3.47
N ASN B 108 4.70 7.00 3.02
CA ASN B 108 3.47 6.66 3.73
C ASN B 108 2.45 6.15 2.75
N VAL B 109 1.73 5.13 3.13
CA VAL B 109 0.67 4.62 2.27
C VAL B 109 -0.62 5.18 2.82
N ILE B 110 -1.24 6.02 2.01
CA ILE B 110 -2.54 6.62 2.36
C ILE B 110 -3.64 6.00 1.48
N ARG B 111 -4.64 5.40 2.13
CA ARG B 111 -5.70 4.69 1.46
C ARG B 111 -7.04 5.34 1.77
N ALA B 112 -7.84 5.49 0.72
CA ALA B 112 -9.24 5.93 0.84
C ALA B 112 -10.15 4.81 0.40
N THR B 113 -10.89 4.25 1.37
CA THR B 113 -11.74 3.06 1.15
C THR B 113 -13.22 3.42 1.20
N ALA B 114 -13.97 2.97 0.20
CA ALA B 114 -15.42 3.17 0.20
C ALA B 114 -16.04 2.32 1.31
N ILE B 115 -16.84 2.99 2.15
CA ILE B 115 -17.49 2.32 3.30
C ILE B 115 -18.95 2.03 3.10
N ALA B 116 -19.53 2.67 2.09
CA ALA B 116 -20.95 2.50 1.74
C ALA B 116 -21.15 1.70 0.46
N SER B 117 -22.34 1.13 0.36
CA SER B 117 -22.63 0.10 -0.64
C SER B 117 -22.70 0.61 -2.06
N ASP B 118 -22.69 1.92 -2.21
CA ASP B 118 -22.68 2.53 -3.54
C ASP B 118 -21.29 3.01 -3.97
N GLY B 119 -20.29 2.64 -3.19
CA GLY B 119 -18.90 2.98 -3.48
C GLY B 119 -18.54 4.39 -3.14
N GLY B 120 -17.34 4.78 -3.58
CA GLY B 120 -16.83 6.10 -3.35
C GLY B 120 -17.17 7.09 -4.44
N PRO B 121 -16.84 8.36 -4.20
CA PRO B 121 -16.96 9.37 -5.24
C PRO B 121 -15.92 9.10 -6.33
N ASN B 122 -16.07 9.78 -7.44
CA ASN B 122 -15.02 9.77 -8.44
C ASN B 122 -13.92 10.67 -7.94
N VAL B 123 -12.67 10.20 -8.03
CA VAL B 123 -11.53 10.92 -7.43
C VAL B 123 -10.49 11.26 -8.50
N ASP B 124 -10.21 12.55 -8.61
CA ASP B 124 -9.26 13.11 -9.58
C ASP B 124 -7.81 12.93 -9.12
N TYR B 125 -7.56 13.32 -7.88
CA TYR B 125 -6.24 13.31 -7.28
C TYR B 125 -6.31 13.53 -5.77
N LEU B 126 -5.20 13.23 -5.12
CA LEU B 126 -4.89 13.66 -3.74
C LEU B 126 -3.73 14.66 -3.80
N LYS B 127 -3.95 15.80 -3.14
CA LYS B 127 -2.97 16.88 -3.05
CA LYS B 127 -2.97 16.89 -3.04
C LYS B 127 -2.53 16.98 -1.59
N VAL B 128 -1.23 16.87 -1.37
CA VAL B 128 -0.67 16.88 0.01
C VAL B 128 0.28 18.06 0.13
N PHE B 129 0.05 18.88 1.15
CA PHE B 129 0.89 20.06 1.38
C PHE B 129 2.09 19.70 2.25
N SER B 130 3.09 19.13 1.59
CA SER B 130 4.24 18.55 2.29
C SER B 130 5.60 19.12 1.96
N ALA B 131 5.75 19.71 0.77
CA ALA B 131 7.08 19.98 0.22
C ALA B 131 7.64 21.24 0.79
N ASN B 132 8.90 21.16 1.16
CA ASN B 132 9.64 22.32 1.69
C ASN B 132 10.39 23.00 0.57
N ALA B 133 10.44 24.31 0.66
CA ALA B 133 11.23 25.15 -0.28
C ALA B 133 12.71 24.78 -0.12
CA CA C . 1.71 -8.41 -5.42
CA CA D . -6.66 12.95 -12.41
CA CA E . -18.55 4.51 -9.05
C1 GOL F . -19.87 7.07 -10.61
O1 GOL F . -20.10 6.08 -9.63
C2 GOL F . -20.73 6.81 -11.86
O2 GOL F . -20.34 5.60 -12.48
C3 GOL F . -20.61 7.99 -12.83
O3 GOL F . -19.26 8.21 -13.19
P PO4 G . -10.87 22.63 -7.34
O1 PO4 G . -12.11 21.96 -6.75
O2 PO4 G . -11.06 22.62 -8.84
O3 PO4 G . -10.80 24.06 -6.86
O4 PO4 G . -9.62 21.86 -6.93
#